data_4MPU
#
_entry.id   4MPU
#
_cell.length_a   78.157
_cell.length_b   78.157
_cell.length_c   165.039
_cell.angle_alpha   90.00
_cell.angle_beta   90.00
_cell.angle_gamma   120.00
#
_symmetry.space_group_name_H-M   'P 31 2 1'
#
loop_
_entity.id
_entity.type
_entity.pdbx_description
1 polymer 'Tryptase alpha/beta-1'
2 non-polymer '2-(N-MORPHOLINO)-ETHANESULFONIC ACID'
3 non-polymer 'SULFATE ION'
4 non-polymer 'TETRAETHYLENE GLYCOL'
5 non-polymer "(6S,8R)-N,N'-bis[3-({4-[3-(aminomethyl)phenyl]piperidin-1-yl}carbonyl)phenyl]-8-hydroxy-6-(1-hydroxycyclobutyl)-5,7-dioxaspiro[3.4]octane-6,8-dicarboxamide"
6 water water
#
_entity_poly.entity_id   1
_entity_poly.type   'polypeptide(L)'
_entity_poly.pdbx_seq_one_letter_code
;IVGGQEAPRSKWPWQVSLRVHGPYWMHFCGGSLIHPQWVLTAAHCVGPDVKDLAALRVQLREQHLYYQDQLLPVSRIIVH
PQFYTAQIGADIALLELEEPVKVSSHVHTVTLPPASETFPPGMPCWVTGWGDVDNDERLPPPFPLKQVKVPIMENHICDA
KYHLGAYTGDDVRIVRDDMLCAGNTRRDSCQGDSGGPLVCKVNGTWLQAGVVSWGEGCAQPNRPGIYTRVTYYLDWIHHY
VPKKP
;
_entity_poly.pdbx_strand_id   A,B
#
loop_
_chem_comp.id
_chem_comp.type
_chem_comp.name
_chem_comp.formula
MES non-polymer '2-(N-MORPHOLINO)-ETHANESULFONIC ACID' 'C6 H13 N O4 S'
PG4 non-polymer 'TETRAETHYLENE GLYCOL' 'C8 H18 O5'
SO4 non-polymer 'SULFATE ION' 'O4 S -2'
X2A non-polymer (6S,8R)-N,N'-bis[3-({4-[3-(aminomethyl)phenyl]piperidin-1-yl}carbonyl)phenyl]-8-hydroxy-6-(1-hydroxycyclobutyl)-5,7-dioxaspiro[3.4]octane-6,8-dicarboxamide 'C50 H58 N6 O8'
#
# COMPACT_ATOMS: atom_id res chain seq x y z
N ILE A 1 18.05 7.00 5.48
CA ILE A 1 18.57 8.05 4.65
C ILE A 1 19.57 7.45 3.65
N VAL A 2 19.35 7.71 2.36
CA VAL A 2 20.27 7.28 1.23
C VAL A 2 21.11 8.40 0.81
N GLY A 3 22.45 8.16 0.82
CA GLY A 3 23.46 9.15 0.46
C GLY A 3 23.64 10.19 1.49
N GLY A 4 23.34 9.90 2.74
CA GLY A 4 23.62 10.89 3.71
C GLY A 4 25.08 11.12 4.17
N GLN A 5 25.12 11.86 5.25
CA GLN A 5 26.19 11.73 6.25
C GLN A 5 25.59 11.75 7.59
N GLU A 6 26.33 11.35 8.58
CA GLU A 6 25.85 11.49 9.95
CA GLU A 6 25.88 11.50 9.96
C GLU A 6 25.71 12.97 10.29
N ALA A 7 24.62 13.34 10.96
CA ALA A 7 24.34 14.69 11.31
C ALA A 7 25.26 15.16 12.43
N PRO A 8 25.63 16.41 12.39
CA PRO A 8 26.31 16.94 13.59
C PRO A 8 25.37 17.06 14.77
N ARG A 9 25.90 16.92 15.98
CA ARG A 9 25.10 16.93 17.19
C ARG A 9 24.23 18.14 17.35
N SER A 10 24.70 19.27 16.85
CA SER A 10 24.04 20.55 16.99
C SER A 10 22.91 20.78 15.99
N LYS A 11 22.74 19.84 15.04
N LYS A 11 22.67 19.83 15.10
CA LYS A 11 21.72 20.03 13.98
CA LYS A 11 21.68 20.14 14.05
C LYS A 11 20.47 19.24 14.33
C LYS A 11 20.51 19.20 14.17
N TRP A 12 19.34 19.74 13.84
CA TRP A 12 18.07 19.02 13.86
C TRP A 12 17.55 18.71 15.23
N PRO A 13 17.41 19.75 16.07
CA PRO A 13 17.04 19.58 17.50
C PRO A 13 15.60 19.12 17.69
N TRP A 14 14.82 19.20 16.62
CA TRP A 14 13.44 18.76 16.63
C TRP A 14 13.22 17.27 16.26
N GLN A 15 14.24 16.58 15.81
CA GLN A 15 14.08 15.20 15.29
C GLN A 15 13.69 14.33 16.45
N VAL A 16 12.66 13.51 16.27
CA VAL A 16 12.38 12.47 17.21
C VAL A 16 12.26 11.10 16.59
N SER A 17 12.33 10.11 17.48
CA SER A 17 12.25 8.68 17.10
C SER A 17 11.02 8.09 17.79
N LEU A 18 10.18 7.39 16.99
CA LEU A 18 9.01 6.73 17.50
C LEU A 18 9.37 5.26 17.71
N ARG A 19 8.97 4.75 18.90
CA ARG A 19 9.40 3.38 19.36
C ARG A 19 8.19 2.52 19.56
N VAL A 20 8.30 1.22 19.22
CA VAL A 20 7.20 0.26 19.49
C VAL A 20 7.67 -0.80 20.50
N HIS A 21 6.77 -1.19 21.40
CA HIS A 21 7.18 -2.13 22.48
C HIS A 21 7.39 -3.50 21.93
N GLY A 22 8.50 -4.13 22.23
CA GLY A 22 8.69 -5.55 21.88
C GLY A 22 9.87 -6.03 22.69
N PRO A 23 10.74 -6.88 22.12
CA PRO A 23 11.91 -7.27 22.92
C PRO A 23 12.76 -6.11 23.34
N TYR A 24 12.65 -5.00 22.58
CA TYR A 24 13.24 -3.74 23.00
C TYR A 24 12.35 -2.68 22.34
N TRP A 25 12.53 -1.44 22.82
CA TRP A 25 11.65 -0.31 22.27
C TRP A 25 12.28 0.11 20.93
N MET A 26 11.81 -0.53 19.85
CA MET A 26 12.46 -0.47 18.58
C MET A 26 11.99 0.76 17.72
N HIS A 27 12.92 1.44 17.13
CA HIS A 27 12.62 2.56 16.25
C HIS A 27 11.83 2.02 15.02
N PHE A 28 10.70 2.66 14.72
CA PHE A 28 10.00 2.35 13.44
C PHE A 28 9.66 3.56 12.58
N CYS A 29 9.76 4.77 13.08
CA CYS A 29 9.42 5.97 12.26
C CYS A 29 10.09 7.18 12.91
N GLY A 30 10.26 8.27 12.17
CA GLY A 30 10.64 9.51 12.78
C GLY A 30 9.41 10.40 13.03
N GLY A 31 9.73 11.56 13.54
CA GLY A 31 8.80 12.64 13.80
C GLY A 31 9.56 13.93 14.04
N SER A 32 8.82 14.96 14.38
CA SER A 32 9.36 16.26 14.67
C SER A 32 8.63 16.93 15.79
N LEU A 33 9.38 17.57 16.66
CA LEU A 33 8.74 18.26 17.78
C LEU A 33 8.24 19.63 17.29
N ILE A 34 6.96 19.84 17.27
CA ILE A 34 6.43 21.13 16.73
C ILE A 34 5.86 21.99 17.85
N HIS A 35 5.81 21.48 19.07
CA HIS A 35 5.37 22.24 20.26
C HIS A 35 5.91 21.40 21.40
N PRO A 36 6.09 21.96 22.61
CA PRO A 36 6.59 21.13 23.68
C PRO A 36 5.75 19.90 24.05
N GLN A 37 4.41 19.82 23.74
CA GLN A 37 3.63 18.72 23.99
C GLN A 37 3.18 17.97 22.74
N TRP A 38 3.73 18.34 21.55
CA TRP A 38 3.21 17.70 20.32
C TRP A 38 4.33 17.34 19.34
N VAL A 39 4.22 16.07 18.85
CA VAL A 39 5.06 15.55 17.74
C VAL A 39 4.19 15.41 16.46
N LEU A 40 4.77 15.87 15.39
CA LEU A 40 4.21 15.69 14.03
C LEU A 40 4.88 14.43 13.42
N THR A 41 4.08 13.58 12.79
CA THR A 41 4.56 12.44 12.12
C THR A 41 3.66 12.05 10.99
N ALA A 42 3.94 10.93 10.39
CA ALA A 42 3.09 10.41 9.29
C ALA A 42 1.99 9.55 9.84
N ALA A 43 0.77 9.68 9.36
CA ALA A 43 -0.29 8.81 9.71
C ALA A 43 0.03 7.33 9.53
N HIS A 44 0.69 6.95 8.46
CA HIS A 44 0.92 5.53 8.21
C HIS A 44 1.81 4.86 9.26
N CYS A 45 2.55 5.69 10.00
CA CYS A 45 3.36 5.17 11.15
C CYS A 45 2.45 4.66 12.27
N VAL A 46 1.23 5.21 12.43
CA VAL A 46 0.39 4.92 13.57
C VAL A 46 -1.03 4.54 13.19
N GLY A 47 -1.30 4.45 11.90
CA GLY A 47 -2.67 4.24 11.46
C GLY A 47 -2.67 3.45 10.15
N PRO A 48 -3.84 3.27 9.54
CA PRO A 48 -5.13 3.77 10.00
C PRO A 48 -5.81 2.98 11.08
N ASP A 49 -5.28 1.83 11.46
CA ASP A 49 -5.93 1.09 12.59
C ASP A 49 -5.43 1.65 13.92
N VAL A 50 -6.33 1.68 14.87
CA VAL A 50 -6.10 2.21 16.19
C VAL A 50 -5.18 1.26 16.92
N LYS A 51 -4.13 1.86 17.49
CA LYS A 51 -3.04 1.18 18.23
C LYS A 51 -3.18 1.38 19.72
N ASP A 52 -2.65 0.41 20.52
CA ASP A 52 -2.48 0.65 21.97
C ASP A 52 -1.43 1.71 22.22
N LEU A 53 -1.85 2.79 22.86
CA LEU A 53 -1.00 3.91 23.19
C LEU A 53 0.13 3.45 24.10
N ALA A 54 -0.15 2.47 24.95
CA ALA A 54 0.85 2.03 25.89
C ALA A 54 2.04 1.38 25.21
N ALA A 55 1.87 0.88 24.00
CA ALA A 55 2.95 0.27 23.27
C ALA A 55 3.73 1.23 22.43
N LEU A 56 3.54 2.53 22.62
CA LEU A 56 4.24 3.56 21.78
C LEU A 56 4.99 4.51 22.73
N ARG A 57 6.23 4.80 22.43
CA ARG A 57 6.95 5.93 23.05
C ARG A 57 7.71 6.76 22.07
N VAL A 58 8.07 7.94 22.51
CA VAL A 58 8.82 8.91 21.80
C VAL A 58 10.16 9.11 22.45
N GLN A 59 11.18 9.17 21.65
CA GLN A 59 12.52 9.57 22.06
C GLN A 59 12.88 10.89 21.37
N LEU A 60 13.27 11.89 22.15
CA LEU A 60 13.77 13.16 21.66
C LEU A 60 15.12 13.03 21.04
N ARG A 61 15.57 14.10 20.41
N ARG A 61 15.57 14.10 20.39
CA ARG A 61 16.75 13.96 19.66
CA ARG A 61 16.83 14.12 19.64
C ARG A 61 17.86 13.20 20.39
C ARG A 61 17.95 13.32 20.35
N GLU A 62 18.45 12.29 19.67
CA GLU A 62 19.52 11.40 20.12
C GLU A 62 20.49 11.32 18.97
N GLN A 63 21.81 11.32 19.20
CA GLN A 63 22.70 11.15 18.16
C GLN A 63 22.79 9.70 17.67
N HIS A 64 22.69 8.71 18.58
CA HIS A 64 22.67 7.27 18.24
C HIS A 64 21.49 6.63 18.87
N LEU A 65 20.64 5.94 18.12
CA LEU A 65 19.54 5.24 18.70
C LEU A 65 19.98 4.30 19.84
N TYR A 66 19.16 4.24 20.87
CA TYR A 66 19.15 3.23 21.91
C TYR A 66 20.18 3.44 23.00
N TYR A 67 21.23 4.19 22.75
CA TYR A 67 22.36 4.12 23.70
C TYR A 67 22.03 4.96 24.88
N GLN A 68 21.31 6.07 24.67
CA GLN A 68 20.96 6.83 25.81
C GLN A 68 19.51 7.18 25.90
N ASP A 69 18.69 6.20 25.71
CA ASP A 69 17.22 6.40 25.67
C ASP A 69 16.62 6.98 26.96
N GLN A 70 15.67 7.88 26.75
CA GLN A 70 14.85 8.37 27.84
C GLN A 70 13.49 8.49 27.17
N LEU A 71 12.76 7.38 27.20
CA LEU A 71 11.50 7.23 26.47
C LEU A 71 10.31 7.94 27.09
N LEU A 72 9.47 8.61 26.28
CA LEU A 72 8.35 9.38 26.76
C LEU A 72 7.02 8.84 26.33
N PRO A 73 6.08 8.66 27.27
CA PRO A 73 4.80 8.16 26.90
C PRO A 73 3.85 9.22 26.24
N VAL A 74 2.93 8.67 25.45
CA VAL A 74 2.06 9.49 24.60
C VAL A 74 0.64 9.39 25.18
N SER A 75 -0.05 10.53 25.28
CA SER A 75 -1.41 10.59 25.79
CA SER A 75 -1.37 10.64 25.78
C SER A 75 -2.50 10.51 24.70
N ARG A 76 -2.16 10.93 23.48
CA ARG A 76 -3.19 10.93 22.35
C ARG A 76 -2.42 10.69 21.06
N ILE A 77 -3.05 9.89 20.20
CA ILE A 77 -2.66 9.77 18.79
C ILE A 77 -3.79 10.38 18.02
N ILE A 78 -3.49 11.38 17.21
CA ILE A 78 -4.46 12.04 16.35
C ILE A 78 -4.09 11.94 14.85
N VAL A 79 -4.87 11.19 14.10
CA VAL A 79 -4.51 10.86 12.71
C VAL A 79 -5.53 11.59 11.82
N HIS A 80 -5.06 12.13 10.74
CA HIS A 80 -5.93 12.88 9.87
C HIS A 80 -7.04 11.98 9.44
N PRO A 81 -8.28 12.53 9.56
CA PRO A 81 -9.40 11.62 9.23
C PRO A 81 -9.51 11.19 7.76
N GLN A 82 -8.90 11.93 6.86
CA GLN A 82 -8.94 11.53 5.44
C GLN A 82 -7.95 10.41 5.14
N PHE A 83 -7.11 10.03 6.13
CA PHE A 83 -6.10 9.08 5.90
C PHE A 83 -6.51 7.65 5.92
N TYR A 84 -6.14 6.93 4.84
CA TYR A 84 -6.23 5.51 4.74
C TYR A 84 -4.94 4.89 4.26
N THR A 85 -4.35 5.41 3.19
CA THR A 85 -3.02 4.99 2.72
C THR A 85 -2.24 6.14 2.20
N ALA A 86 -0.90 6.00 2.25
CA ALA A 86 0.00 7.07 1.85
C ALA A 86 -0.17 7.46 0.38
N GLN A 87 -0.52 6.48 -0.44
CA GLN A 87 -0.76 6.79 -1.89
C GLN A 87 -1.97 7.59 -2.16
N ILE A 88 -2.98 7.52 -1.33
CA ILE A 88 -4.15 8.32 -1.48
C ILE A 88 -3.88 9.69 -0.98
N GLY A 89 -3.19 9.75 0.20
CA GLY A 89 -2.78 11.03 0.80
C GLY A 89 -3.30 11.25 2.25
N ALA A 90 -3.17 12.49 2.72
CA ALA A 90 -3.43 12.88 4.11
C ALA A 90 -2.57 12.10 5.04
N ASP A 91 -1.37 11.86 4.62
CA ASP A 91 -0.44 11.06 5.46
C ASP A 91 0.22 11.89 6.57
N ILE A 92 -0.58 12.18 7.60
CA ILE A 92 -0.21 13.15 8.66
C ILE A 92 -0.88 12.84 9.93
N ALA A 93 -0.11 12.93 11.04
CA ALA A 93 -0.66 12.58 12.30
C ALA A 93 0.10 13.43 13.40
N LEU A 94 -0.53 13.49 14.55
CA LEU A 94 -0.02 14.20 15.71
C LEU A 94 -0.03 13.25 16.93
N LEU A 95 1.05 13.36 17.72
CA LEU A 95 1.11 12.70 19.01
C LEU A 95 1.20 13.77 20.07
N GLU A 96 0.33 13.68 21.03
CA GLU A 96 0.45 14.54 22.22
C GLU A 96 1.20 13.73 23.32
N LEU A 97 2.18 14.35 23.85
CA LEU A 97 2.97 13.74 24.95
C LEU A 97 2.17 13.95 26.24
N GLU A 98 2.43 13.04 27.20
CA GLU A 98 1.79 13.10 28.54
C GLU A 98 2.27 14.31 29.33
N GLU A 99 3.49 14.82 29.03
CA GLU A 99 4.04 15.98 29.64
C GLU A 99 4.67 16.88 28.61
N PRO A 100 4.67 18.18 28.85
CA PRO A 100 5.45 19.09 27.96
C PRO A 100 6.91 18.87 28.16
N VAL A 101 7.70 18.84 27.08
CA VAL A 101 9.06 18.69 27.21
C VAL A 101 9.67 20.06 27.55
N LYS A 102 10.89 20.06 28.06
CA LYS A 102 11.66 21.29 28.27
C LYS A 102 12.58 21.48 27.04
N VAL A 103 12.57 22.66 26.48
CA VAL A 103 13.43 23.01 25.34
C VAL A 103 14.72 23.63 25.68
N SER A 104 15.60 23.54 24.71
CA SER A 104 16.99 23.99 24.83
C SER A 104 17.60 24.12 23.48
N SER A 105 18.87 24.53 23.44
CA SER A 105 19.51 24.65 22.13
C SER A 105 19.57 23.24 21.47
N HIS A 106 19.78 22.24 22.34
N HIS A 106 19.69 22.18 22.25
CA HIS A 106 19.87 20.83 22.01
CA HIS A 106 19.83 20.84 21.73
C HIS A 106 18.61 20.21 21.39
C HIS A 106 18.55 20.01 21.46
N VAL A 107 17.45 20.47 22.02
CA VAL A 107 16.22 19.87 21.77
C VAL A 107 15.19 20.98 21.75
N HIS A 108 14.65 21.31 20.53
CA HIS A 108 13.62 22.33 20.47
C HIS A 108 12.69 22.14 19.27
N THR A 109 11.69 22.99 19.16
CA THR A 109 10.62 22.82 18.13
C THR A 109 11.14 23.30 16.79
N VAL A 110 10.52 22.75 15.72
CA VAL A 110 10.69 23.21 14.35
C VAL A 110 9.50 24.13 14.05
N THR A 111 9.74 25.11 13.20
CA THR A 111 8.80 26.10 12.78
C THR A 111 8.02 25.57 11.56
N LEU A 112 6.69 25.66 11.63
CA LEU A 112 5.85 25.28 10.51
C LEU A 112 5.83 26.43 9.49
N PRO A 113 5.73 26.12 8.19
CA PRO A 113 5.69 27.14 7.13
C PRO A 113 4.43 27.93 7.18
N PRO A 114 4.50 29.21 6.78
CA PRO A 114 3.24 29.86 6.44
C PRO A 114 2.54 29.21 5.25
N ALA A 115 1.22 29.36 5.25
CA ALA A 115 0.40 28.72 4.24
C ALA A 115 0.83 29.04 2.76
N SER A 116 1.32 30.23 2.55
CA SER A 116 1.74 30.65 1.23
C SER A 116 3.01 30.04 0.69
N GLU A 117 3.85 29.33 1.46
CA GLU A 117 5.20 28.96 0.95
C GLU A 117 5.07 27.74 0.07
N THR A 118 5.66 27.72 -1.13
CA THR A 118 5.43 26.58 -2.06
C THR A 118 6.60 25.57 -2.14
N PHE A 119 7.78 26.01 -1.66
CA PHE A 119 9.03 25.27 -1.69
C PHE A 119 9.36 24.81 -3.09
N PRO A 120 9.72 25.77 -3.94
CA PRO A 120 10.04 25.46 -5.31
C PRO A 120 11.45 24.86 -5.52
N PRO A 121 11.69 24.27 -6.69
CA PRO A 121 12.97 23.69 -6.96
C PRO A 121 14.06 24.69 -6.72
N GLY A 122 15.18 24.21 -6.20
CA GLY A 122 16.32 25.04 -5.88
C GLY A 122 16.37 25.50 -4.45
N MET A 123 15.34 25.20 -3.68
CA MET A 123 15.39 25.50 -2.27
C MET A 123 16.30 24.47 -1.63
N PRO A 124 17.14 24.92 -0.67
CA PRO A 124 18.03 24.05 0.06
C PRO A 124 17.21 23.35 1.12
N CYS A 125 17.03 22.04 0.93
CA CYS A 125 16.18 21.24 1.82
C CYS A 125 16.91 19.96 2.21
N TRP A 126 16.72 19.58 3.50
CA TRP A 126 17.33 18.42 4.07
C TRP A 126 16.32 17.51 4.70
N VAL A 127 16.54 16.21 4.55
CA VAL A 127 15.71 15.21 5.22
C VAL A 127 16.62 14.39 6.20
N THR A 128 16.03 14.02 7.31
CA THR A 128 16.86 13.41 8.37
C THR A 128 16.15 12.22 8.93
N GLY A 129 16.92 11.28 9.52
CA GLY A 129 16.37 10.09 10.12
C GLY A 129 17.32 8.94 10.33
N TRP A 130 16.76 7.89 10.88
CA TRP A 130 17.42 6.64 11.25
C TRP A 130 16.98 5.46 10.42
N GLY A 131 16.47 5.79 9.22
CA GLY A 131 16.02 4.76 8.30
C GLY A 131 17.11 4.04 7.51
N ASP A 132 16.67 3.16 6.60
CA ASP A 132 17.58 2.36 5.77
C ASP A 132 18.46 3.26 4.92
N VAL A 133 19.70 2.79 4.63
CA VAL A 133 20.67 3.54 3.89
C VAL A 133 20.65 3.21 2.42
N ASP A 134 19.83 2.23 2.11
CA ASP A 134 19.45 1.93 0.70
C ASP A 134 18.34 0.90 0.74
N ASN A 135 17.81 0.51 -0.43
CA ASN A 135 16.75 -0.48 -0.47
C ASN A 135 17.12 -1.78 0.28
N ASP A 136 16.30 -2.14 1.27
CA ASP A 136 16.47 -3.36 2.06
C ASP A 136 17.87 -3.40 2.73
N GLU A 137 18.40 -2.25 3.11
N GLU A 137 18.46 -2.24 3.00
CA GLU A 137 19.74 -2.18 3.71
CA GLU A 137 19.76 -2.14 3.71
C GLU A 137 19.67 -1.31 4.98
C GLU A 137 19.50 -1.34 5.01
N ARG A 138 19.68 -1.97 6.16
CA ARG A 138 19.52 -1.28 7.43
C ARG A 138 20.62 -0.30 7.74
N LEU A 139 20.29 0.71 8.53
CA LEU A 139 21.28 1.55 9.08
C LEU A 139 22.03 0.64 10.09
N PRO A 140 23.33 0.59 9.98
CA PRO A 140 24.05 -0.26 10.97
C PRO A 140 24.22 0.37 12.34
N PRO A 141 24.44 -0.48 13.35
CA PRO A 141 24.95 0.08 14.58
C PRO A 141 26.20 0.89 14.34
N PRO A 142 26.40 2.00 15.08
CA PRO A 142 25.64 2.47 16.24
C PRO A 142 24.45 3.40 15.92
N PHE A 143 23.87 3.25 14.72
CA PHE A 143 22.61 3.97 14.43
C PHE A 143 22.67 5.46 14.59
N PRO A 144 23.60 6.12 13.91
CA PRO A 144 23.68 7.52 13.97
C PRO A 144 22.53 8.17 13.24
N LEU A 145 22.08 9.31 13.75
CA LEU A 145 21.12 10.15 12.95
C LEU A 145 21.80 10.61 11.66
N LYS A 146 21.20 10.34 10.50
CA LYS A 146 21.72 10.81 9.22
C LYS A 146 20.88 11.95 8.65
N GLN A 147 21.53 12.66 7.74
CA GLN A 147 20.94 13.81 6.99
C GLN A 147 21.35 13.69 5.57
N VAL A 148 20.52 14.21 4.66
CA VAL A 148 20.91 14.35 3.27
C VAL A 148 20.22 15.53 2.66
N LYS A 149 20.95 16.27 1.86
CA LYS A 149 20.34 17.37 1.11
C LYS A 149 19.59 16.82 -0.12
N VAL A 150 18.34 17.19 -0.30
CA VAL A 150 17.53 16.61 -1.40
C VAL A 150 16.97 17.75 -2.24
N PRO A 151 17.11 17.61 -3.57
CA PRO A 151 16.56 18.63 -4.43
C PRO A 151 15.03 18.43 -4.56
N ILE A 152 14.26 19.53 -4.48
CA ILE A 152 12.83 19.55 -4.65
C ILE A 152 12.55 19.42 -6.16
N MET A 153 11.53 18.68 -6.51
CA MET A 153 11.08 18.59 -7.94
C MET A 153 9.63 19.05 -7.88
N GLU A 154 9.26 19.95 -8.76
CA GLU A 154 7.85 20.38 -8.85
C GLU A 154 6.90 19.20 -8.97
N ASN A 155 5.69 19.32 -8.38
CA ASN A 155 4.78 18.20 -8.40
C ASN A 155 4.50 17.64 -9.78
N HIS A 156 4.26 18.54 -10.72
CA HIS A 156 3.82 18.01 -12.08
C HIS A 156 4.97 17.24 -12.74
N ILE A 157 6.20 17.70 -12.52
CA ILE A 157 7.35 17.02 -13.07
C ILE A 157 7.51 15.68 -12.39
N CYS A 158 7.29 15.69 -11.08
CA CYS A 158 7.36 14.45 -10.30
C CYS A 158 6.32 13.44 -10.73
N ASP A 159 5.07 13.91 -10.88
CA ASP A 159 3.98 13.12 -11.33
C ASP A 159 4.29 12.49 -12.68
N ALA A 160 4.87 13.30 -13.58
CA ALA A 160 5.19 12.77 -14.88
C ALA A 160 6.24 11.65 -14.78
N LYS A 161 7.27 11.79 -13.94
N LYS A 161 7.25 11.86 -13.92
CA LYS A 161 8.27 10.71 -13.76
CA LYS A 161 8.28 10.87 -13.64
C LYS A 161 7.60 9.44 -13.24
C LYS A 161 7.67 9.54 -13.20
N TYR A 162 6.68 9.60 -12.28
CA TYR A 162 6.03 8.46 -11.73
C TYR A 162 5.25 7.62 -12.79
N HIS A 163 4.83 8.30 -13.86
CA HIS A 163 4.14 7.65 -14.97
C HIS A 163 5.09 6.92 -15.94
N LEU A 164 6.34 7.35 -15.98
CA LEU A 164 7.34 6.61 -16.82
C LEU A 164 7.56 5.22 -16.35
N GLY A 165 7.41 4.24 -17.28
CA GLY A 165 7.51 2.88 -16.87
C GLY A 165 6.32 2.34 -16.14
N ALA A 166 5.19 3.05 -16.24
CA ALA A 166 3.98 2.60 -15.66
C ALA A 166 2.86 2.42 -16.63
N TYR A 167 1.94 1.53 -16.31
CA TYR A 167 0.72 1.41 -17.07
C TYR A 167 -0.33 2.50 -16.82
N THR A 168 -0.22 3.19 -15.71
CA THR A 168 -1.22 4.15 -15.26
C THR A 168 -1.33 5.27 -16.23
N GLY A 169 -2.54 5.58 -16.60
CA GLY A 169 -2.68 6.65 -17.63
C GLY A 169 -2.10 8.02 -17.21
N ASP A 170 -1.56 8.76 -18.17
CA ASP A 170 -0.88 9.97 -17.87
C ASP A 170 -1.75 11.06 -17.23
N ASP A 171 -3.09 11.03 -17.48
CA ASP A 171 -3.95 12.01 -16.86
C ASP A 171 -4.53 11.51 -15.54
N VAL A 172 -4.10 10.33 -15.04
CA VAL A 172 -4.58 9.84 -13.73
C VAL A 172 -3.46 10.16 -12.72
N ARG A 173 -3.73 11.13 -11.82
CA ARG A 173 -2.68 11.76 -11.07
C ARG A 173 -2.22 10.78 -9.95
N ILE A 174 -0.90 10.64 -9.90
CA ILE A 174 -0.25 9.80 -8.90
C ILE A 174 0.22 10.65 -7.72
N VAL A 175 1.05 11.68 -8.00
CA VAL A 175 1.60 12.56 -7.02
C VAL A 175 0.53 13.67 -6.83
N ARG A 176 -0.12 13.65 -5.71
CA ARG A 176 -1.29 14.47 -5.37
C ARG A 176 -0.88 15.81 -4.85
N ASP A 177 -1.84 16.75 -4.83
CA ASP A 177 -1.54 18.14 -4.55
C ASP A 177 -1.22 18.44 -3.08
N ASP A 178 -1.57 17.50 -2.22
CA ASP A 178 -1.10 17.48 -0.82
C ASP A 178 0.23 16.75 -0.58
N MET A 179 0.98 16.46 -1.61
CA MET A 179 2.31 15.88 -1.54
C MET A 179 3.30 16.79 -2.15
N LEU A 180 4.54 16.47 -1.89
CA LEU A 180 5.65 17.20 -2.35
C LEU A 180 6.74 16.20 -2.70
N CYS A 181 7.61 16.47 -3.66
CA CYS A 181 8.61 15.50 -4.11
C CYS A 181 9.94 16.07 -3.94
N ALA A 182 10.87 15.21 -3.48
CA ALA A 182 12.26 15.60 -3.40
C ALA A 182 13.16 14.36 -3.47
N GLY A 183 14.39 14.54 -3.89
CA GLY A 183 15.30 13.43 -3.95
C GLY A 183 15.68 13.01 -5.35
N ASN A 184 16.72 12.21 -5.45
CA ASN A 184 17.14 11.65 -6.75
C ASN A 184 17.76 10.27 -6.50
N THR A 185 18.50 9.75 -7.48
CA THR A 185 19.00 8.40 -7.39
C THR A 185 20.24 8.33 -6.52
N ARG A 186 20.70 9.45 -6.02
CA ARG A 186 21.77 9.47 -5.01
C ARG A 186 21.34 9.84 -3.58
N ARG A 187 20.20 10.51 -3.43
CA ARG A 187 19.82 11.25 -2.18
C ARG A 187 18.33 11.04 -1.97
N ASP A 188 17.93 10.43 -0.85
CA ASP A 188 16.53 10.10 -0.59
C ASP A 188 16.37 9.71 0.87
N SER A 189 15.13 9.72 1.27
CA SER A 189 14.65 9.09 2.46
C SER A 189 14.39 7.63 2.12
N CYS A 190 14.20 6.81 3.14
CA CYS A 190 13.95 5.41 2.98
C CYS A 190 13.15 4.84 4.16
N GLN A 191 12.83 3.53 4.16
N GLN A 191 12.87 3.53 4.13
CA GLN A 191 12.01 2.97 5.22
CA GLN A 191 12.17 2.82 5.18
C GLN A 191 12.70 3.14 6.54
C GLN A 191 12.77 3.23 6.54
N GLY A 192 11.87 3.53 7.50
CA GLY A 192 12.26 3.92 8.87
C GLY A 192 12.52 5.41 9.01
N ASP A 193 12.63 6.17 7.88
CA ASP A 193 12.64 7.63 7.87
C ASP A 193 11.24 8.20 7.90
N SER A 194 10.25 7.38 7.59
CA SER A 194 8.87 7.87 7.49
C SER A 194 8.44 8.58 8.73
N GLY A 195 7.65 9.64 8.53
CA GLY A 195 7.20 10.47 9.62
C GLY A 195 8.13 11.59 10.03
N GLY A 196 9.40 11.47 9.69
CA GLY A 196 10.39 12.51 9.91
C GLY A 196 10.25 13.75 9.01
N PRO A 197 11.05 14.77 9.26
CA PRO A 197 10.96 16.02 8.66
C PRO A 197 11.77 16.17 7.41
N LEU A 198 11.20 16.87 6.45
CA LEU A 198 11.91 17.52 5.37
C LEU A 198 11.86 19.03 5.73
N VAL A 199 13.06 19.60 5.97
CA VAL A 199 13.17 21.00 6.35
C VAL A 199 13.95 21.84 5.36
N CYS A 200 13.47 23.06 5.09
CA CYS A 200 14.17 23.90 4.13
C CYS A 200 14.46 25.24 4.78
N LYS A 201 15.63 25.83 4.47
CA LYS A 201 16.05 27.02 5.09
C LYS A 201 15.55 28.18 4.22
N VAL A 202 14.71 29.02 4.80
CA VAL A 202 13.99 30.11 4.10
C VAL A 202 14.21 31.40 4.89
N ASN A 203 15.00 32.33 4.31
CA ASN A 203 15.31 33.58 4.99
C ASN A 203 15.89 33.35 6.40
N GLY A 204 16.84 32.42 6.49
CA GLY A 204 17.50 32.12 7.75
C GLY A 204 16.76 31.30 8.79
N THR A 205 15.54 30.84 8.50
N THR A 205 15.54 30.87 8.46
CA THR A 205 14.83 30.02 9.48
CA THR A 205 14.72 30.09 9.36
C THR A 205 14.35 28.70 8.85
C THR A 205 14.61 28.66 8.73
N TRP A 206 14.67 27.62 9.56
CA TRP A 206 14.32 26.27 9.06
C TRP A 206 12.80 26.11 9.18
N LEU A 207 12.18 25.72 8.06
CA LEU A 207 10.74 25.53 8.04
C LEU A 207 10.46 24.06 7.66
N GLN A 208 9.53 23.41 8.33
CA GLN A 208 9.25 22.02 7.92
C GLN A 208 8.30 21.99 6.71
N ALA A 209 8.87 21.69 5.53
CA ALA A 209 8.10 21.61 4.29
C ALA A 209 7.30 20.34 4.17
N GLY A 210 7.86 19.26 4.70
CA GLY A 210 7.31 17.93 4.40
C GLY A 210 7.46 16.93 5.54
N VAL A 211 6.60 15.93 5.46
CA VAL A 211 6.63 14.73 6.33
C VAL A 211 6.98 13.54 5.40
N VAL A 212 8.07 12.82 5.73
CA VAL A 212 8.46 11.63 4.93
C VAL A 212 7.28 10.68 4.83
N SER A 213 6.86 10.35 3.57
CA SER A 213 5.67 9.60 3.37
C SER A 213 5.76 8.32 2.62
N TRP A 214 6.23 8.38 1.35
CA TRP A 214 6.32 7.14 0.52
C TRP A 214 7.13 7.44 -0.74
N GLY A 215 7.20 6.43 -1.57
CA GLY A 215 7.91 6.45 -2.80
C GLY A 215 7.93 5.04 -3.30
N GLU A 216 8.33 4.87 -4.57
CA GLU A 216 8.66 3.52 -5.06
CA GLU A 216 8.65 3.56 -5.10
C GLU A 216 10.10 3.25 -4.77
N GLY A 217 10.30 2.46 -3.69
CA GLY A 217 11.63 2.20 -3.26
C GLY A 217 12.29 3.53 -2.88
N CYS A 218 13.62 3.49 -2.80
CA CYS A 218 14.46 4.53 -2.37
C CYS A 218 15.53 4.74 -3.43
N ALA A 219 15.68 5.98 -3.89
CA ALA A 219 16.67 6.46 -4.84
C ALA A 219 16.68 5.65 -6.16
N GLN A 220 15.48 5.27 -6.59
CA GLN A 220 15.24 4.53 -7.81
C GLN A 220 14.98 5.53 -8.99
N PRO A 221 15.44 5.19 -10.20
CA PRO A 221 15.22 6.01 -11.35
C PRO A 221 13.76 6.40 -11.55
N ASN A 222 13.57 7.71 -11.79
CA ASN A 222 12.24 8.29 -12.04
C ASN A 222 11.26 8.17 -10.89
N ARG A 223 11.78 7.96 -9.67
CA ARG A 223 10.90 7.71 -8.51
C ARG A 223 11.38 8.55 -7.28
N PRO A 224 11.35 9.88 -7.35
CA PRO A 224 11.72 10.74 -6.20
C PRO A 224 10.91 10.40 -4.99
N GLY A 225 11.48 10.73 -3.82
CA GLY A 225 10.68 10.53 -2.60
C GLY A 225 9.49 11.49 -2.52
N ILE A 226 8.41 11.02 -1.94
CA ILE A 226 7.19 11.74 -1.74
C ILE A 226 6.93 11.99 -0.25
N TYR A 227 6.58 13.23 0.00
CA TYR A 227 6.37 13.78 1.32
C TYR A 227 5.01 14.39 1.42
N THR A 228 4.40 14.34 2.58
CA THR A 228 3.21 15.05 2.81
C THR A 228 3.54 16.50 2.92
N ARG A 229 2.77 17.34 2.17
CA ARG A 229 2.98 18.75 2.06
C ARG A 229 2.39 19.47 3.28
N VAL A 230 3.23 19.95 4.19
CA VAL A 230 2.77 20.44 5.45
C VAL A 230 1.80 21.66 5.28
N THR A 231 2.07 22.54 4.35
CA THR A 231 1.17 23.71 4.19
C THR A 231 -0.28 23.28 4.03
N TYR A 232 -0.53 22.13 3.34
CA TYR A 232 -1.83 21.66 3.05
C TYR A 232 -2.69 21.44 4.27
N TYR A 233 -1.99 21.03 5.36
CA TYR A 233 -2.60 20.57 6.56
C TYR A 233 -2.41 21.47 7.79
N LEU A 234 -2.03 22.69 7.60
CA LEU A 234 -1.86 23.65 8.68
C LEU A 234 -3.15 23.83 9.46
N ASP A 235 -4.29 23.96 8.77
CA ASP A 235 -5.53 24.25 9.49
C ASP A 235 -5.86 23.09 10.43
N TRP A 236 -5.66 21.85 9.91
CA TRP A 236 -5.87 20.68 10.70
C TRP A 236 -4.91 20.69 11.89
N ILE A 237 -3.61 20.91 11.66
CA ILE A 237 -2.66 20.91 12.76
C ILE A 237 -3.11 21.90 13.85
N HIS A 238 -3.54 23.05 13.41
CA HIS A 238 -3.95 24.13 14.31
C HIS A 238 -5.24 23.90 15.07
N HIS A 239 -6.01 22.91 14.69
CA HIS A 239 -7.10 22.49 15.48
C HIS A 239 -6.66 21.89 16.80
N TYR A 240 -5.42 21.42 16.86
CA TYR A 240 -4.96 20.64 17.99
C TYR A 240 -3.76 21.34 18.67
N VAL A 241 -2.91 21.96 17.92
CA VAL A 241 -1.64 22.41 18.45
C VAL A 241 -1.70 23.90 18.63
N PRO A 242 -1.45 24.35 19.86
CA PRO A 242 -1.44 25.78 20.12
C PRO A 242 -0.40 26.53 19.39
N LYS A 243 -0.72 27.78 19.14
CA LYS A 243 0.27 28.80 19.12
C LYS A 243 0.85 29.02 20.56
N ILE B 1 -6.17 -19.21 0.18
CA ILE B 1 -7.57 -19.41 0.71
C ILE B 1 -7.58 -19.79 2.18
N VAL B 2 -8.31 -19.06 2.99
CA VAL B 2 -8.35 -19.31 4.42
C VAL B 2 -9.68 -19.95 4.69
N GLY B 3 -9.63 -21.02 5.49
CA GLY B 3 -10.83 -21.72 5.91
C GLY B 3 -11.42 -22.59 4.84
N GLY B 4 -10.68 -22.90 3.81
CA GLY B 4 -11.28 -23.63 2.77
C GLY B 4 -10.93 -25.12 2.87
N GLN B 5 -11.15 -25.77 1.76
CA GLN B 5 -10.62 -27.10 1.52
C GLN B 5 -10.26 -27.30 0.05
N GLU B 6 -9.63 -28.42 -0.22
CA GLU B 6 -9.19 -28.73 -1.57
C GLU B 6 -10.38 -28.91 -2.47
N ALA B 7 -10.30 -28.40 -3.70
CA ALA B 7 -11.43 -28.44 -4.60
C ALA B 7 -11.53 -29.84 -5.20
N PRO B 8 -12.76 -30.26 -5.59
CA PRO B 8 -12.91 -31.35 -6.49
C PRO B 8 -12.31 -31.07 -7.84
N ARG B 9 -11.79 -32.11 -8.46
N ARG B 9 -11.76 -32.10 -8.47
CA ARG B 9 -11.16 -32.02 -9.73
CA ARG B 9 -11.15 -31.96 -9.76
C ARG B 9 -12.11 -31.47 -10.78
C ARG B 9 -12.12 -31.45 -10.80
N SER B 10 -13.42 -31.72 -10.64
CA SER B 10 -14.40 -31.25 -11.70
C SER B 10 -14.86 -29.82 -11.50
N LYS B 11 -14.40 -29.14 -10.42
CA LYS B 11 -14.86 -27.78 -10.18
C LYS B 11 -13.83 -26.69 -10.56
N TRP B 12 -14.37 -25.53 -10.92
CA TRP B 12 -13.57 -24.33 -11.21
C TRP B 12 -12.75 -24.52 -12.48
N PRO B 13 -13.32 -24.94 -13.60
CA PRO B 13 -12.53 -25.16 -14.80
C PRO B 13 -11.88 -23.96 -15.45
N TRP B 14 -12.24 -22.77 -15.02
CA TRP B 14 -11.72 -21.53 -15.47
C TRP B 14 -10.51 -21.00 -14.65
N GLN B 15 -10.20 -21.63 -13.52
CA GLN B 15 -9.09 -21.08 -12.64
C GLN B 15 -7.81 -21.17 -13.43
N VAL B 16 -7.00 -20.09 -13.34
CA VAL B 16 -5.64 -20.10 -13.88
C VAL B 16 -4.66 -19.59 -12.82
N SER B 17 -3.42 -20.02 -13.03
CA SER B 17 -2.31 -19.59 -12.18
C SER B 17 -1.34 -18.81 -13.01
N LEU B 18 -0.94 -17.65 -12.51
CA LEU B 18 0.03 -16.81 -13.15
C LEU B 18 1.42 -17.07 -12.57
N ARG B 19 2.35 -17.19 -13.46
CA ARG B 19 3.78 -17.66 -13.17
C ARG B 19 4.80 -16.65 -13.57
N VAL B 20 5.80 -16.47 -12.72
CA VAL B 20 6.87 -15.53 -12.97
C VAL B 20 8.15 -16.30 -13.11
N HIS B 21 8.97 -15.84 -14.01
CA HIS B 21 10.24 -16.53 -14.30
C HIS B 21 11.29 -16.32 -13.21
N GLY B 22 11.84 -17.41 -12.72
CA GLY B 22 13.02 -17.36 -11.79
C GLY B 22 13.69 -18.71 -11.77
N PRO B 23 14.16 -19.14 -10.57
CA PRO B 23 14.68 -20.50 -10.42
C PRO B 23 13.68 -21.55 -10.82
N TYR B 24 12.38 -21.22 -10.70
CA TYR B 24 11.33 -22.04 -11.28
C TYR B 24 10.14 -21.04 -11.66
N TRP B 25 9.18 -21.53 -12.44
CA TRP B 25 8.02 -20.66 -12.84
C TRP B 25 7.02 -20.62 -11.70
N MET B 26 7.21 -19.67 -10.82
CA MET B 26 6.53 -19.62 -9.51
C MET B 26 5.16 -18.97 -9.64
N HIS B 27 4.20 -19.51 -8.94
CA HIS B 27 2.91 -18.92 -8.82
C HIS B 27 2.96 -17.66 -8.03
N PHE B 28 2.37 -16.61 -8.58
CA PHE B 28 2.26 -15.38 -7.83
C PHE B 28 0.84 -14.78 -7.76
N CYS B 29 -0.03 -15.27 -8.63
CA CYS B 29 -1.42 -14.73 -8.62
C CYS B 29 -2.31 -15.66 -9.36
N GLY B 30 -3.60 -15.50 -9.20
CA GLY B 30 -4.57 -16.30 -9.90
C GLY B 30 -5.15 -15.46 -11.04
N GLY B 31 -6.03 -16.11 -11.82
CA GLY B 31 -6.76 -15.44 -12.84
C GLY B 31 -7.89 -16.35 -13.24
N SER B 32 -8.73 -15.86 -14.17
CA SER B 32 -9.83 -16.70 -14.69
C SER B 32 -9.83 -16.65 -16.21
N LEU B 33 -10.15 -17.77 -16.85
CA LEU B 33 -10.31 -17.84 -18.29
C LEU B 33 -11.72 -17.36 -18.63
N ILE B 34 -11.77 -16.19 -19.25
CA ILE B 34 -13.06 -15.57 -19.55
C ILE B 34 -13.46 -15.64 -21.05
N HIS B 35 -12.54 -16.08 -21.86
CA HIS B 35 -12.65 -16.30 -23.29
C HIS B 35 -11.53 -17.27 -23.62
N PRO B 36 -11.66 -18.05 -24.71
CA PRO B 36 -10.59 -18.93 -25.10
C PRO B 36 -9.22 -18.32 -25.22
N GLN B 37 -9.14 -17.02 -25.47
CA GLN B 37 -7.85 -16.37 -25.68
C GLN B 37 -7.52 -15.28 -24.58
N TRP B 38 -8.36 -15.21 -23.58
CA TRP B 38 -8.21 -14.11 -22.51
C TRP B 38 -8.43 -14.60 -21.10
N VAL B 39 -7.53 -14.09 -20.26
CA VAL B 39 -7.54 -14.27 -18.81
C VAL B 39 -7.78 -12.94 -18.13
N LEU B 40 -8.68 -12.98 -17.16
CA LEU B 40 -9.06 -11.81 -16.35
C LEU B 40 -8.20 -12.01 -15.07
N THR B 41 -7.55 -10.93 -14.65
CA THR B 41 -6.81 -10.95 -13.36
C THR B 41 -6.85 -9.58 -12.73
N ALA B 42 -6.08 -9.39 -11.65
CA ALA B 42 -5.96 -8.11 -10.92
C ALA B 42 -4.78 -7.36 -11.49
N ALA B 43 -5.00 -6.05 -11.67
CA ALA B 43 -3.95 -5.14 -12.09
C ALA B 43 -2.68 -5.22 -11.18
N HIS B 44 -2.90 -5.32 -9.89
CA HIS B 44 -1.76 -5.24 -8.95
C HIS B 44 -0.86 -6.44 -9.09
N CYS B 45 -1.36 -7.52 -9.76
CA CYS B 45 -0.52 -8.71 -10.01
C CYS B 45 0.57 -8.40 -10.99
N VAL B 46 0.28 -7.51 -11.94
CA VAL B 46 1.11 -7.20 -13.07
C VAL B 46 1.41 -5.69 -13.31
N GLY B 47 1.18 -4.85 -12.34
CA GLY B 47 1.26 -3.43 -12.49
C GLY B 47 1.35 -2.80 -11.08
N PRO B 48 1.48 -1.47 -11.00
CA PRO B 48 1.35 -0.57 -12.12
C PRO B 48 2.59 -0.43 -12.98
N ASP B 49 3.75 -0.87 -12.55
CA ASP B 49 4.93 -0.78 -13.40
C ASP B 49 4.95 -1.85 -14.42
N VAL B 50 5.45 -1.51 -15.58
CA VAL B 50 5.46 -2.38 -16.76
CA VAL B 50 5.40 -2.42 -16.70
C VAL B 50 6.38 -3.55 -16.52
N LYS B 51 5.96 -4.73 -16.92
CA LYS B 51 6.77 -5.87 -16.73
C LYS B 51 7.06 -6.57 -18.07
N ASP B 52 8.12 -7.37 -18.05
CA ASP B 52 8.61 -8.14 -19.23
C ASP B 52 7.70 -9.31 -19.55
N LEU B 53 7.08 -9.25 -20.72
CA LEU B 53 6.17 -10.30 -21.08
C LEU B 53 6.78 -11.69 -21.14
N ALA B 54 8.07 -11.75 -21.43
CA ALA B 54 8.81 -13.01 -21.55
C ALA B 54 8.99 -13.72 -20.21
N ALA B 55 8.74 -13.01 -19.13
CA ALA B 55 8.92 -13.54 -17.83
C ALA B 55 7.57 -13.85 -17.22
N LEU B 56 6.50 -13.87 -18.00
CA LEU B 56 5.17 -14.22 -17.48
C LEU B 56 4.64 -15.40 -18.25
N ARG B 57 3.99 -16.37 -17.60
CA ARG B 57 3.27 -17.41 -18.27
C ARG B 57 1.99 -17.72 -17.47
N VAL B 58 1.06 -18.36 -18.16
CA VAL B 58 -0.15 -18.79 -17.63
C VAL B 58 -0.25 -20.30 -17.56
N GLN B 59 -0.87 -20.80 -16.45
CA GLN B 59 -1.15 -22.20 -16.31
C GLN B 59 -2.61 -22.40 -16.13
N LEU B 60 -3.25 -23.22 -16.98
CA LEU B 60 -4.71 -23.52 -16.88
C LEU B 60 -4.97 -24.42 -15.73
N ARG B 61 -6.19 -24.72 -15.42
CA ARG B 61 -6.55 -25.39 -14.19
C ARG B 61 -5.66 -26.63 -13.95
N GLU B 62 -5.03 -26.62 -12.79
CA GLU B 62 -4.20 -27.70 -12.29
C GLU B 62 -4.80 -28.06 -10.97
N GLN B 63 -4.83 -29.32 -10.61
CA GLN B 63 -5.25 -29.60 -9.30
C GLN B 63 -4.12 -29.30 -8.26
N HIS B 64 -2.87 -29.56 -8.66
CA HIS B 64 -1.68 -29.29 -7.79
C HIS B 64 -0.67 -28.48 -8.50
N LEU B 65 -0.31 -27.33 -7.98
CA LEU B 65 0.70 -26.53 -8.72
C LEU B 65 1.97 -27.28 -8.96
N TYR B 66 2.54 -27.01 -10.11
CA TYR B 66 3.85 -27.43 -10.58
C TYR B 66 4.00 -28.88 -11.03
N TYR B 67 3.08 -29.76 -10.71
CA TYR B 67 3.23 -31.17 -10.95
C TYR B 67 3.16 -31.43 -12.45
N GLN B 68 2.12 -30.96 -13.07
CA GLN B 68 2.00 -31.28 -14.47
C GLN B 68 1.93 -30.04 -15.29
N ASP B 69 2.79 -29.05 -15.04
CA ASP B 69 2.65 -27.76 -15.75
C ASP B 69 2.71 -27.92 -17.27
N GLN B 70 1.90 -27.13 -17.98
CA GLN B 70 1.99 -26.90 -19.40
C GLN B 70 1.79 -25.36 -19.58
N LEU B 71 2.89 -24.66 -19.47
CA LEU B 71 2.82 -23.23 -19.32
C LEU B 71 2.57 -22.59 -20.68
N LEU B 72 1.74 -21.53 -20.67
CA LEU B 72 1.32 -20.81 -21.88
C LEU B 72 1.81 -19.40 -21.93
N PRO B 73 2.40 -19.01 -23.04
CA PRO B 73 2.85 -17.64 -23.14
C PRO B 73 1.70 -16.62 -23.35
N VAL B 74 1.98 -15.37 -22.99
CA VAL B 74 1.09 -14.29 -22.99
C VAL B 74 1.51 -13.37 -24.11
N SER B 75 0.55 -12.89 -24.91
CA SER B 75 0.86 -11.98 -25.98
C SER B 75 0.67 -10.47 -25.65
N ARG B 76 -0.15 -10.19 -24.66
CA ARG B 76 -0.35 -8.82 -24.21
C ARG B 76 -0.86 -8.75 -22.74
N ILE B 77 -0.33 -7.81 -21.95
CA ILE B 77 -0.84 -7.43 -20.66
C ILE B 77 -1.59 -6.12 -20.83
N ILE B 78 -2.86 -6.07 -20.48
CA ILE B 78 -3.66 -4.84 -20.49
C ILE B 78 -4.08 -4.53 -19.09
N VAL B 79 -3.45 -3.47 -18.57
CA VAL B 79 -3.72 -3.08 -17.19
C VAL B 79 -4.69 -1.87 -17.26
N HIS B 80 -5.73 -1.83 -16.46
CA HIS B 80 -6.66 -0.71 -16.53
C HIS B 80 -5.86 0.59 -16.31
N PRO B 81 -5.94 1.56 -17.19
CA PRO B 81 -5.14 2.77 -17.03
C PRO B 81 -5.52 3.61 -15.82
N GLN B 82 -6.65 3.35 -15.18
CA GLN B 82 -6.96 4.08 -13.98
C GLN B 82 -6.29 3.51 -12.74
N PHE B 83 -5.65 2.37 -12.88
CA PHE B 83 -4.95 1.69 -11.77
C PHE B 83 -3.61 2.28 -11.39
N TYR B 84 -3.53 2.48 -10.06
CA TYR B 84 -2.27 2.74 -9.42
C TYR B 84 -2.08 1.89 -8.15
N THR B 85 -3.10 1.81 -7.32
CA THR B 85 -3.08 0.84 -6.20
C THR B 85 -4.43 0.25 -5.94
N ALA B 86 -4.43 -0.90 -5.30
CA ALA B 86 -5.67 -1.59 -5.05
C ALA B 86 -6.63 -0.76 -4.22
N GLN B 87 -6.11 0.04 -3.27
CA GLN B 87 -7.01 0.77 -2.41
C GLN B 87 -7.70 1.94 -3.14
N ILE B 88 -7.10 2.43 -4.20
CA ILE B 88 -7.71 3.44 -5.07
C ILE B 88 -8.71 2.85 -6.01
N GLY B 89 -8.42 1.66 -6.45
CA GLY B 89 -9.25 0.86 -7.33
C GLY B 89 -8.80 0.63 -8.76
N ALA B 90 -9.77 0.28 -9.65
CA ALA B 90 -9.49 -0.10 -11.03
C ALA B 90 -8.48 -1.30 -11.04
N ASP B 91 -8.59 -2.16 -10.00
CA ASP B 91 -7.59 -3.27 -9.84
C ASP B 91 -8.04 -4.50 -10.73
N ILE B 92 -7.79 -4.31 -12.05
CA ILE B 92 -8.24 -5.24 -13.07
C ILE B 92 -7.37 -5.15 -14.26
N ALA B 93 -7.14 -6.33 -14.82
CA ALA B 93 -6.19 -6.51 -15.91
C ALA B 93 -6.62 -7.71 -16.75
N LEU B 94 -6.28 -7.63 -18.03
CA LEU B 94 -6.43 -8.76 -18.94
C LEU B 94 -5.12 -9.21 -19.47
N LEU B 95 -5.03 -10.55 -19.64
CA LEU B 95 -3.97 -11.14 -20.30
C LEU B 95 -4.46 -11.88 -21.62
N GLU B 96 -3.97 -11.42 -22.72
CA GLU B 96 -4.22 -12.07 -24.02
C GLU B 96 -3.23 -13.18 -24.23
N LEU B 97 -3.73 -14.36 -24.45
CA LEU B 97 -2.91 -15.55 -24.63
C LEU B 97 -2.41 -15.56 -26.08
N GLU B 98 -1.26 -16.20 -26.27
CA GLU B 98 -0.66 -16.34 -27.61
C GLU B 98 -1.56 -17.14 -28.56
N GLU B 99 -2.30 -18.10 -27.99
CA GLU B 99 -3.26 -18.91 -28.72
C GLU B 99 -4.52 -19.04 -28.02
N PRO B 100 -5.62 -19.27 -28.75
CA PRO B 100 -6.83 -19.62 -28.04
C PRO B 100 -6.77 -21.02 -27.46
N VAL B 101 -7.27 -21.21 -26.25
CA VAL B 101 -7.30 -22.51 -25.63
C VAL B 101 -8.40 -23.37 -26.32
N LYS B 102 -8.14 -24.66 -26.55
CA LYS B 102 -9.23 -25.61 -26.91
C LYS B 102 -9.98 -26.01 -25.66
N VAL B 103 -11.20 -25.51 -25.49
CA VAL B 103 -11.95 -25.77 -24.26
C VAL B 103 -12.55 -27.20 -24.17
N SER B 104 -12.76 -27.67 -22.95
CA SER B 104 -13.17 -29.02 -22.71
C SER B 104 -14.01 -28.93 -21.45
N SER B 105 -14.56 -30.08 -21.04
CA SER B 105 -15.33 -30.13 -19.79
C SER B 105 -14.48 -29.71 -18.60
N HIS B 106 -13.20 -30.16 -18.61
CA HIS B 106 -12.25 -29.86 -17.60
C HIS B 106 -11.62 -28.45 -17.49
N VAL B 107 -11.39 -27.85 -18.63
CA VAL B 107 -10.85 -26.49 -18.77
C VAL B 107 -11.77 -25.71 -19.69
N HIS B 108 -12.44 -24.70 -19.14
CA HIS B 108 -13.28 -23.85 -19.96
C HIS B 108 -13.62 -22.56 -19.27
N THR B 109 -14.33 -21.71 -19.97
CA THR B 109 -14.47 -20.33 -19.53
C THR B 109 -15.51 -20.17 -18.47
N VAL B 110 -15.37 -19.09 -17.71
CA VAL B 110 -16.45 -18.66 -16.87
C VAL B 110 -17.28 -17.58 -17.53
N THR B 111 -18.55 -17.58 -17.16
CA THR B 111 -19.54 -16.57 -17.65
C THR B 111 -19.41 -15.27 -16.86
N LEU B 112 -19.30 -14.16 -17.58
CA LEU B 112 -19.38 -12.83 -16.96
C LEU B 112 -20.84 -12.42 -16.72
N PRO B 113 -21.09 -11.69 -15.67
CA PRO B 113 -22.46 -11.31 -15.36
C PRO B 113 -22.90 -10.21 -16.38
N PRO B 114 -24.23 -10.17 -16.70
CA PRO B 114 -24.78 -8.98 -17.31
C PRO B 114 -24.51 -7.76 -16.42
N ALA B 115 -24.47 -6.59 -17.06
CA ALA B 115 -24.26 -5.32 -16.40
C ALA B 115 -25.27 -5.03 -15.33
N SER B 116 -26.47 -5.54 -15.53
CA SER B 116 -27.55 -5.31 -14.59
C SER B 116 -27.53 -6.25 -13.41
N GLU B 117 -26.61 -7.18 -13.40
CA GLU B 117 -26.62 -8.18 -12.35
C GLU B 117 -26.39 -7.61 -10.95
N THR B 118 -27.26 -7.99 -10.04
CA THR B 118 -27.23 -7.52 -8.68
C THR B 118 -26.99 -8.79 -7.86
N PHE B 119 -25.80 -8.89 -7.25
CA PHE B 119 -25.48 -10.10 -6.46
C PHE B 119 -25.94 -9.77 -5.07
N PRO B 120 -27.05 -10.34 -4.60
CA PRO B 120 -27.55 -9.76 -3.39
C PRO B 120 -26.69 -10.12 -2.19
N PRO B 121 -26.70 -9.25 -1.19
CA PRO B 121 -26.06 -9.58 0.06
C PRO B 121 -26.45 -10.90 0.65
N GLY B 122 -25.46 -11.61 1.16
CA GLY B 122 -25.68 -12.97 1.60
C GLY B 122 -25.68 -14.10 0.58
N MET B 123 -25.71 -13.82 -0.70
CA MET B 123 -25.62 -14.81 -1.73
C MET B 123 -24.32 -15.61 -1.50
N PRO B 124 -24.42 -16.94 -1.47
CA PRO B 124 -23.24 -17.81 -1.32
C PRO B 124 -22.46 -17.83 -2.59
N CYS B 125 -21.22 -17.36 -2.52
CA CYS B 125 -20.35 -17.37 -3.63
C CYS B 125 -19.02 -18.09 -3.15
N TRP B 126 -18.21 -18.37 -4.10
CA TRP B 126 -17.02 -19.22 -3.88
C TRP B 126 -15.84 -18.45 -4.40
N VAL B 127 -14.76 -18.50 -3.62
CA VAL B 127 -13.47 -17.97 -4.07
C VAL B 127 -12.47 -19.15 -4.10
N THR B 128 -11.59 -19.13 -5.07
CA THR B 128 -10.62 -20.28 -5.31
C THR B 128 -9.21 -19.74 -5.53
N GLY B 129 -8.23 -20.56 -5.17
CA GLY B 129 -6.95 -20.24 -5.54
C GLY B 129 -5.89 -21.07 -4.78
N TRP B 130 -4.64 -20.76 -5.10
CA TRP B 130 -3.52 -21.39 -4.41
C TRP B 130 -2.73 -20.49 -3.45
N GLY B 131 -3.38 -19.50 -2.91
CA GLY B 131 -2.78 -18.59 -1.97
C GLY B 131 -2.62 -19.15 -0.54
N ASP B 132 -2.09 -18.28 0.31
CA ASP B 132 -1.83 -18.49 1.73
C ASP B 132 -3.09 -18.99 2.41
N VAL B 133 -2.87 -19.88 3.37
CA VAL B 133 -3.90 -20.45 4.14
C VAL B 133 -4.24 -19.71 5.39
N ASP B 134 -3.43 -18.69 5.70
CA ASP B 134 -3.70 -17.72 6.78
C ASP B 134 -2.64 -16.67 6.63
N ASN B 135 -2.73 -15.62 7.44
CA ASN B 135 -1.71 -14.57 7.36
C ASN B 135 -0.31 -15.19 7.52
N ASP B 136 0.53 -14.85 6.60
CA ASP B 136 1.93 -15.32 6.54
C ASP B 136 2.07 -16.83 6.73
N GLU B 137 1.21 -17.59 6.08
CA GLU B 137 1.26 -19.04 6.14
C GLU B 137 0.97 -19.54 4.74
N ARG B 138 2.03 -20.02 4.09
CA ARG B 138 1.98 -20.51 2.76
C ARG B 138 1.11 -21.74 2.62
N LEU B 139 0.50 -21.90 1.45
CA LEU B 139 -0.12 -23.15 1.13
C LEU B 139 0.95 -24.27 1.06
N PRO B 140 0.80 -25.36 1.84
CA PRO B 140 1.89 -26.39 1.78
C PRO B 140 1.90 -27.14 0.51
N PRO B 141 3.06 -27.67 0.12
CA PRO B 141 3.10 -28.75 -0.86
C PRO B 141 2.12 -29.87 -0.49
N PRO B 142 1.47 -30.48 -1.48
CA PRO B 142 1.57 -30.41 -2.95
C PRO B 142 0.66 -29.32 -3.60
N PHE B 143 0.36 -28.29 -2.85
CA PHE B 143 -0.25 -27.07 -3.49
C PHE B 143 -1.61 -27.35 -4.17
N PRO B 144 -2.54 -27.92 -3.47
CA PRO B 144 -3.87 -28.24 -4.04
C PRO B 144 -4.62 -26.92 -4.26
N LEU B 145 -5.40 -26.88 -5.31
CA LEU B 145 -6.32 -25.71 -5.49
C LEU B 145 -7.29 -25.77 -4.40
N LYS B 146 -7.49 -24.66 -3.71
CA LYS B 146 -8.47 -24.63 -2.63
C LYS B 146 -9.70 -23.74 -3.01
N GLN B 147 -10.77 -24.03 -2.29
CA GLN B 147 -12.06 -23.30 -2.39
C GLN B 147 -12.61 -22.96 -1.10
N VAL B 148 -13.38 -21.84 -1.03
CA VAL B 148 -14.09 -21.52 0.22
C VAL B 148 -15.35 -20.74 -0.19
N LYS B 149 -16.43 -21.06 0.48
N LYS B 149 -16.39 -21.00 0.59
CA LYS B 149 -17.69 -20.34 0.30
CA LYS B 149 -17.68 -20.31 0.50
C LYS B 149 -17.68 -19.12 1.18
C LYS B 149 -17.63 -19.05 1.26
N VAL B 150 -17.91 -17.95 0.55
CA VAL B 150 -17.91 -16.63 1.15
C VAL B 150 -19.23 -15.88 0.77
N PRO B 151 -19.99 -15.46 1.77
CA PRO B 151 -21.18 -14.63 1.47
C PRO B 151 -20.80 -13.18 1.04
N ILE B 152 -21.41 -12.73 -0.04
CA ILE B 152 -21.44 -11.29 -0.50
C ILE B 152 -21.97 -10.40 0.62
N MET B 153 -21.35 -9.24 0.77
CA MET B 153 -21.91 -8.22 1.62
C MET B 153 -22.09 -6.93 0.88
N GLU B 154 -23.02 -6.09 1.34
CA GLU B 154 -23.20 -4.79 0.75
C GLU B 154 -21.98 -3.89 0.97
N ASN B 155 -21.62 -3.07 -0.05
CA ASN B 155 -20.56 -2.14 0.13
C ASN B 155 -20.73 -1.29 1.39
N HIS B 156 -21.93 -0.82 1.70
CA HIS B 156 -22.09 0.08 2.78
C HIS B 156 -21.68 -0.54 4.11
N ILE B 157 -22.05 -1.79 4.31
CA ILE B 157 -21.63 -2.54 5.46
C ILE B 157 -20.07 -2.86 5.47
N CYS B 158 -19.56 -3.29 4.36
CA CYS B 158 -18.11 -3.52 4.23
C CYS B 158 -17.35 -2.25 4.57
N ASP B 159 -17.76 -1.13 4.00
CA ASP B 159 -17.11 0.14 4.32
C ASP B 159 -17.19 0.47 5.79
N ALA B 160 -18.37 0.33 6.35
CA ALA B 160 -18.56 0.55 7.78
C ALA B 160 -17.64 -0.31 8.60
N LYS B 161 -17.54 -1.61 8.30
CA LYS B 161 -16.66 -2.51 9.04
C LYS B 161 -15.20 -2.04 9.00
N TYR B 162 -14.74 -1.59 7.85
CA TYR B 162 -13.38 -1.11 7.77
C TYR B 162 -13.12 0.14 8.58
N HIS B 163 -14.16 0.88 8.92
CA HIS B 163 -14.00 1.98 9.82
C HIS B 163 -13.96 1.64 11.29
N LEU B 164 -14.49 0.48 11.66
CA LEU B 164 -14.46 0.06 13.07
C LEU B 164 -13.03 -0.16 13.45
N GLY B 165 -12.61 0.41 14.60
CA GLY B 165 -11.22 0.32 14.97
C GLY B 165 -10.20 1.04 14.14
N ALA B 166 -10.65 2.03 13.37
CA ALA B 166 -9.75 2.87 12.52
C ALA B 166 -9.95 4.33 12.87
N TYR B 167 -8.92 5.12 12.56
CA TYR B 167 -8.93 6.55 12.71
C TYR B 167 -9.64 7.24 11.54
N THR B 168 -9.81 6.55 10.42
CA THR B 168 -10.41 7.16 9.23
C THR B 168 -11.84 7.61 9.51
N GLY B 169 -12.13 8.83 9.08
CA GLY B 169 -13.41 9.46 9.31
C GLY B 169 -14.50 8.60 8.73
N ASP B 170 -15.60 8.50 9.43
CA ASP B 170 -16.68 7.59 9.01
C ASP B 170 -17.27 7.99 7.66
N ASP B 171 -17.17 9.24 7.26
CA ASP B 171 -17.65 9.73 5.92
C ASP B 171 -16.61 9.71 4.79
N VAL B 172 -15.40 9.25 5.13
CA VAL B 172 -14.30 9.12 4.19
C VAL B 172 -14.30 7.67 3.72
N ARG B 173 -14.59 7.46 2.46
CA ARG B 173 -14.79 6.15 2.01
C ARG B 173 -13.49 5.36 1.87
N ILE B 174 -13.57 4.09 2.30
CA ILE B 174 -12.52 3.12 2.16
C ILE B 174 -12.83 2.10 1.04
N VAL B 175 -14.05 1.55 1.07
CA VAL B 175 -14.47 0.51 0.10
C VAL B 175 -15.25 1.25 -0.94
N ARG B 176 -14.60 1.43 -2.07
N ARG B 176 -14.72 1.23 -2.13
CA ARG B 176 -15.07 2.24 -3.27
CA ARG B 176 -15.18 2.14 -3.23
C ARG B 176 -16.19 1.50 -4.05
C ARG B 176 -16.12 1.44 -4.19
N ASP B 177 -16.86 2.25 -4.93
CA ASP B 177 -17.99 1.71 -5.68
C ASP B 177 -17.66 0.73 -6.77
N ASP B 178 -16.39 0.66 -7.20
CA ASP B 178 -15.90 -0.37 -8.07
C ASP B 178 -15.34 -1.65 -7.34
N MET B 179 -15.62 -1.78 -6.05
CA MET B 179 -15.20 -2.91 -5.26
C MET B 179 -16.44 -3.60 -4.72
N LEU B 180 -16.21 -4.79 -4.26
CA LEU B 180 -17.17 -5.71 -3.74
C LEU B 180 -16.54 -6.53 -2.61
N CYS B 181 -17.27 -6.77 -1.54
CA CYS B 181 -16.71 -7.44 -0.36
C CYS B 181 -17.42 -8.78 -0.11
N ALA B 182 -16.64 -9.70 0.36
CA ALA B 182 -17.13 -10.94 0.88
C ALA B 182 -16.10 -11.55 1.86
N GLY B 183 -16.62 -12.43 2.69
CA GLY B 183 -15.83 -13.14 3.69
C GLY B 183 -15.98 -12.70 5.13
N ASN B 184 -15.33 -13.44 6.02
CA ASN B 184 -15.42 -13.26 7.44
C ASN B 184 -14.15 -13.79 8.15
N THR B 185 -14.13 -13.89 9.50
CA THR B 185 -12.93 -14.30 10.22
C THR B 185 -12.66 -15.78 10.12
N ARG B 186 -13.50 -16.53 9.43
CA ARG B 186 -13.25 -17.97 9.18
C ARG B 186 -13.02 -18.28 7.71
N ARG B 187 -13.61 -17.50 6.79
CA ARG B 187 -13.48 -17.76 5.36
C ARG B 187 -13.03 -16.54 4.54
N ASP B 188 -11.95 -16.63 3.75
CA ASP B 188 -11.49 -15.46 3.04
C ASP B 188 -10.50 -15.94 2.02
N SER B 189 -10.26 -15.05 1.05
CA SER B 189 -9.10 -15.13 0.18
C SER B 189 -7.86 -14.58 0.92
N CYS B 190 -6.67 -14.81 0.35
CA CYS B 190 -5.43 -14.34 0.99
C CYS B 190 -4.32 -14.11 -0.07
N GLN B 191 -3.09 -13.73 0.38
CA GLN B 191 -2.07 -13.46 -0.53
C GLN B 191 -1.76 -14.64 -1.42
N GLY B 192 -1.58 -14.34 -2.72
CA GLY B 192 -1.38 -15.39 -3.75
C GLY B 192 -2.76 -15.84 -4.39
N ASP B 193 -3.89 -15.51 -3.77
CA ASP B 193 -5.20 -15.70 -4.41
C ASP B 193 -5.56 -14.49 -5.31
N SER B 194 -4.90 -13.35 -5.11
CA SER B 194 -5.15 -12.11 -5.89
C SER B 194 -5.21 -12.41 -7.34
N GLY B 195 -6.21 -11.79 -8.00
CA GLY B 195 -6.34 -11.93 -9.43
C GLY B 195 -7.36 -13.03 -9.77
N GLY B 196 -7.59 -13.96 -8.84
CA GLY B 196 -8.49 -15.07 -9.09
C GLY B 196 -9.93 -14.67 -8.90
N PRO B 197 -10.81 -15.64 -9.12
CA PRO B 197 -12.24 -15.33 -9.23
C PRO B 197 -13.05 -15.52 -8.01
N LEU B 198 -14.07 -14.64 -7.88
CA LEU B 198 -15.11 -14.87 -6.89
C LEU B 198 -16.36 -15.16 -7.76
N VAL B 199 -16.93 -16.35 -7.64
CA VAL B 199 -18.06 -16.84 -8.48
C VAL B 199 -19.29 -17.12 -7.70
N CYS B 200 -20.45 -16.79 -8.30
CA CYS B 200 -21.72 -17.00 -7.63
C CYS B 200 -22.59 -17.77 -8.65
N LYS B 201 -23.24 -18.79 -8.16
CA LYS B 201 -24.18 -19.53 -8.97
C LYS B 201 -25.55 -18.88 -8.80
N VAL B 202 -25.91 -18.26 -9.86
CA VAL B 202 -27.13 -17.50 -9.96
C VAL B 202 -28.10 -18.27 -10.81
N ASN B 203 -29.13 -18.75 -10.08
CA ASN B 203 -30.20 -19.54 -10.68
C ASN B 203 -29.64 -20.64 -11.51
N GLY B 204 -28.65 -21.36 -10.97
CA GLY B 204 -28.12 -22.49 -11.70
C GLY B 204 -26.89 -22.22 -12.58
N THR B 205 -26.51 -20.95 -12.77
CA THR B 205 -25.40 -20.65 -13.72
C THR B 205 -24.26 -19.92 -12.97
N TRP B 206 -22.99 -20.37 -13.08
CA TRP B 206 -21.90 -19.63 -12.44
C TRP B 206 -21.51 -18.36 -13.16
N LEU B 207 -21.50 -17.27 -12.40
CA LEU B 207 -21.10 -15.99 -12.89
C LEU B 207 -19.91 -15.46 -12.05
N GLN B 208 -19.03 -14.78 -12.74
CA GLN B 208 -17.89 -14.15 -11.97
C GLN B 208 -18.24 -12.81 -11.48
N ALA B 209 -18.43 -12.70 -10.18
CA ALA B 209 -18.78 -11.45 -9.56
C ALA B 209 -17.61 -10.53 -9.25
N GLY B 210 -16.50 -11.15 -8.84
CA GLY B 210 -15.34 -10.38 -8.38
C GLY B 210 -14.00 -10.93 -8.82
N VAL B 211 -12.97 -10.07 -8.71
CA VAL B 211 -11.60 -10.45 -8.89
C VAL B 211 -10.92 -10.15 -7.51
N VAL B 212 -10.25 -11.15 -6.95
CA VAL B 212 -9.57 -10.95 -5.65
C VAL B 212 -8.64 -9.75 -5.74
N SER B 213 -8.80 -8.78 -4.81
CA SER B 213 -8.02 -7.55 -4.96
C SER B 213 -7.17 -7.22 -3.74
N TRP B 214 -7.81 -7.01 -2.59
CA TRP B 214 -7.09 -6.62 -1.38
C TRP B 214 -7.86 -6.92 -0.13
N GLY B 215 -7.35 -6.41 1.02
CA GLY B 215 -8.04 -6.41 2.29
C GLY B 215 -6.96 -6.12 3.31
N GLU B 216 -7.34 -5.92 4.53
CA GLU B 216 -6.33 -5.82 5.58
CA GLU B 216 -6.38 -5.80 5.63
C GLU B 216 -6.10 -7.22 6.12
N GLY B 217 -4.99 -7.81 5.67
CA GLY B 217 -4.75 -9.18 5.95
C GLY B 217 -5.80 -10.10 5.51
N CYS B 218 -5.92 -11.24 6.18
CA CYS B 218 -6.83 -12.33 5.80
C CYS B 218 -7.59 -12.79 7.00
N ALA B 219 -8.89 -12.85 6.85
CA ALA B 219 -9.82 -13.31 7.86
C ALA B 219 -9.63 -12.61 9.21
N GLN B 220 -9.34 -11.30 9.18
CA GLN B 220 -9.22 -10.48 10.42
C GLN B 220 -10.60 -9.88 10.80
N PRO B 221 -10.86 -9.65 12.10
CA PRO B 221 -12.11 -9.07 12.52
C PRO B 221 -12.39 -7.70 11.84
N ASN B 222 -13.62 -7.59 11.38
CA ASN B 222 -14.16 -6.45 10.64
C ASN B 222 -13.38 -6.06 9.40
N ARG B 223 -12.67 -6.98 8.78
CA ARG B 223 -11.87 -6.71 7.60
C ARG B 223 -12.16 -7.72 6.51
N PRO B 224 -13.39 -7.70 5.96
CA PRO B 224 -13.66 -8.69 4.92
C PRO B 224 -12.85 -8.51 3.66
N GLY B 225 -12.76 -9.55 2.86
CA GLY B 225 -11.96 -9.49 1.62
C GLY B 225 -12.60 -8.59 0.62
N ILE B 226 -11.77 -7.87 -0.12
CA ILE B 226 -12.25 -6.89 -1.08
C ILE B 226 -11.84 -7.35 -2.45
N TYR B 227 -12.79 -7.23 -3.35
CA TYR B 227 -12.68 -7.67 -4.72
C TYR B 227 -13.01 -6.53 -5.69
N THR B 228 -12.44 -6.63 -6.88
CA THR B 228 -12.86 -5.76 -7.94
C THR B 228 -14.22 -6.28 -8.41
N ARG B 229 -15.15 -5.35 -8.56
CA ARG B 229 -16.57 -5.65 -8.92
C ARG B 229 -16.63 -5.79 -10.43
N VAL B 230 -16.79 -7.02 -10.90
CA VAL B 230 -16.79 -7.25 -12.33
C VAL B 230 -17.83 -6.43 -13.14
N THR B 231 -19.02 -6.31 -12.62
CA THR B 231 -20.07 -5.56 -13.42
C THR B 231 -19.61 -4.16 -13.71
N TYR B 232 -18.83 -3.58 -12.80
CA TYR B 232 -18.38 -2.23 -12.95
C TYR B 232 -17.49 -2.01 -14.19
N TYR B 233 -16.72 -3.05 -14.53
CA TYR B 233 -15.75 -2.98 -15.56
C TYR B 233 -16.13 -3.77 -16.81
N LEU B 234 -17.35 -4.27 -16.87
CA LEU B 234 -17.77 -5.01 -18.12
C LEU B 234 -17.50 -4.28 -19.39
N ASP B 235 -17.77 -2.97 -19.45
CA ASP B 235 -17.50 -2.23 -20.69
C ASP B 235 -16.05 -2.15 -21.11
N TRP B 236 -15.18 -2.00 -20.11
CA TRP B 236 -13.78 -2.06 -20.37
C TRP B 236 -13.35 -3.50 -20.80
N ILE B 237 -13.81 -4.54 -20.11
CA ILE B 237 -13.53 -5.95 -20.49
C ILE B 237 -13.90 -6.15 -21.95
N HIS B 238 -15.10 -5.76 -22.22
CA HIS B 238 -15.67 -6.03 -23.64
C HIS B 238 -15.13 -5.10 -24.70
N HIS B 239 -14.34 -4.11 -24.34
CA HIS B 239 -13.56 -3.36 -25.28
C HIS B 239 -12.46 -4.15 -25.91
N TYR B 240 -12.00 -5.20 -25.18
CA TYR B 240 -10.94 -6.05 -25.67
C TYR B 240 -11.36 -7.48 -25.92
N VAL B 241 -12.27 -8.01 -25.12
CA VAL B 241 -12.61 -9.41 -25.13
C VAL B 241 -13.88 -9.55 -25.96
N PRO B 242 -13.79 -10.35 -27.05
CA PRO B 242 -15.01 -10.60 -27.82
C PRO B 242 -16.08 -11.21 -27.00
N LYS B 243 -17.29 -10.76 -27.36
CA LYS B 243 -18.56 -11.13 -26.76
C LYS B 243 -19.18 -12.34 -27.47
O1 MES C . -7.74 11.61 0.35
C2 MES C . -6.51 12.10 0.93
C3 MES C . -6.47 13.61 0.92
N4 MES C . -6.51 14.16 -0.43
C5 MES C . -7.74 13.62 -0.99
C6 MES C . -7.73 12.10 -1.00
C7 MES C . -6.46 15.64 -0.42
C8 MES C . -5.65 16.22 -1.57
S MES C . -6.56 16.47 -3.02
O1S MES C . -7.89 17.05 -2.63
O2S MES C . -5.86 17.55 -3.76
O3S MES C . -6.65 15.14 -3.81
S SO4 D . 8.06 2.88 6.37
O1 SO4 D . 6.93 3.33 7.21
O2 SO4 D . 9.19 3.86 6.29
O3 SO4 D . 7.48 2.64 5.00
O4 SO4 D . 8.65 1.64 7.00
O1 PG4 E . -4.64 -2.25 19.69
C1 PG4 E . -3.34 -2.87 19.82
C2 PG4 E . -2.40 -2.56 18.67
O2 PG4 E . -1.05 -2.47 19.19
C3 PG4 E . -0.43 -1.19 19.19
C4 PG4 E . 1.03 -1.31 18.83
O3 PG4 E . 1.77 -0.14 19.21
C5 PG4 E . 1.47 1.08 18.54
C6 PG4 E . 2.72 1.80 18.00
O4 PG4 E . 2.80 1.73 16.54
C7 PG4 E . 3.70 0.66 16.26
C8 PG4 E . 4.01 0.51 14.76
O5 PG4 E . 4.92 -0.62 14.45
O4 X2A F . 7.91 0.74 -2.79
O4 X2A F . -3.03 -5.87 4.65
O4 X2A F . 7.99 0.71 -2.83
O4 X2A F . -3.05 -5.84 4.62
C30 X2A F . 7.16 1.10 -1.94
C30 X2A F . -2.87 -5.60 3.53
C30 X2A F . 7.25 1.12 -2.00
C30 X2A F . -2.86 -5.56 3.49
N4 X2A F . 7.62 1.31 -0.71
N4 X2A F . -2.52 -6.51 2.63
N4 X2A F . 7.66 1.30 -0.73
N4 X2A F . -2.53 -6.49 2.61
C35 X2A F . 6.82 1.81 0.39
C35 X2A F . -2.50 -6.30 1.20
C35 X2A F . 6.83 1.80 0.35
C35 X2A F . -2.51 -6.30 1.17
C34 X2A F . 7.42 3.17 0.74
C34 X2A F . -3.59 -7.21 0.62
C34 X2A F . 7.43 3.15 0.73
C34 X2A F . -3.60 -7.22 0.61
C33 X2A F . 8.90 3.07 1.10
C33 X2A F . -3.48 -8.67 1.06
C33 X2A F . 8.90 3.07 1.10
C33 X2A F . -3.48 -8.67 1.06
C36 X2A F . 9.45 4.42 1.38
C36 X2A F . -4.58 -9.47 0.50
C36 X2A F . 9.45 4.41 1.38
C36 X2A F . -4.58 -9.48 0.50
C41 X2A F . 9.43 4.88 2.65
C41 X2A F . -4.43 -10.11 -0.70
C41 X2A F . 9.43 4.88 2.65
C41 X2A F . -4.43 -10.11 -0.70
C40 X2A F . 9.88 6.11 2.97
C40 X2A F . -5.43 -10.83 -1.27
C40 X2A F . 9.88 6.11 2.97
C40 X2A F . -5.43 -10.83 -1.27
C39 X2A F . 10.35 6.94 2.03
C39 X2A F . -6.63 -10.90 -0.60
C39 X2A F . 10.35 6.94 2.03
C39 X2A F . -6.63 -10.90 -0.60
C38 X2A F . 10.40 6.54 0.75
C38 X2A F . -6.80 -10.29 0.61
C38 X2A F . 10.40 6.54 0.75
C38 X2A F . -6.80 -10.29 0.61
C42 X2A F . 10.94 7.52 -0.25
C42 X2A F . -8.16 -10.38 1.27
C42 X2A F . 10.94 7.52 -0.25
C42 X2A F . -8.16 -10.38 1.27
N5 X2A F . 12.12 7.04 -0.86
N5 X2A F . -8.14 -11.21 2.43
N5 X2A F . 12.12 7.04 -0.86
N5 X2A F . -8.14 -11.21 2.43
C37 X2A F . 9.97 5.28 0.44
C37 X2A F . -5.76 -9.56 1.13
C37 X2A F . 9.97 5.27 0.44
C37 X2A F . -5.77 -9.56 1.13
C32 X2A F . 9.68 2.33 0.06
C32 X2A F . -3.33 -8.71 2.57
C32 X2A F . 9.69 2.34 0.07
C32 X2A F . -3.33 -8.71 2.57
C31 X2A F . 8.99 1.04 -0.33
C31 X2A F . -2.16 -7.83 3.00
C31 X2A F . 9.01 1.04 -0.34
C31 X2A F . -2.16 -7.82 3.00
C28 X2A F . 5.75 1.35 -2.38
C28 X2A F . -3.06 -4.17 3.18
C28 X2A F . 5.86 1.40 -2.45
C28 X2A F . -3.00 -4.11 3.13
C27 X2A F . 5.52 2.16 -3.47
C27 X2A F . -4.24 -3.52 3.45
C27 X2A F . 5.55 2.18 -3.54
C27 X2A F . -4.13 -3.37 3.32
C26 X2A F . 4.29 2.42 -3.97
C26 X2A F . -4.47 -2.19 3.17
C26 X2A F . 4.27 2.42 -3.95
C26 X2A F . -4.18 -2.01 2.98
C25 X2A F . 3.20 1.88 -3.39
C25 X2A F . -3.49 -1.47 2.57
C25 X2A F . 3.23 1.86 -3.29
C25 X2A F . -3.09 -1.38 2.43
C29 X2A F . 4.65 0.77 -1.78
C29 X2A F . -2.09 -3.48 2.59
C29 X2A F . 4.84 0.83 -1.81
C29 X2A F . -1.95 -3.49 2.57
C24 X2A F . 3.41 1.06 -2.29
C24 X2A F . -2.34 -2.13 2.30
C24 X2A F . 3.53 1.08 -2.18
C24 X2A F . -1.95 -2.13 2.21
N3 X2A F . 2.33 0.57 -1.71
N3 X2A F . -1.49 -1.35 1.71
N3 X2A F . 2.50 0.56 -1.51
N3 X2A F . -0.88 -1.53 1.70
C23 X2A F . 1.73 -0.52 -2.06
C23 X2A F . -0.59 -1.77 0.90
C23 X2A F . 2.55 0.42 -0.19
C23 X2A F . 0.37 -1.92 2.10
O3 X2A F . 1.30 -0.85 -3.17
O3 X2A F . -0.68 -2.43 -0.13
O3 X2A F . 2.72 1.26 0.69
O3 X2A F . 0.87 -2.08 3.23
C22 X2A F . 1.50 -1.25 -0.82
C22 X2A F . 0.71 -1.26 1.33
C22 X2A F . 2.30 -1.00 0.09
C22 X2A F . 1.17 -2.23 0.94
C43 X2A F . 0.95 -2.64 -0.89
C43 X2A F . 1.15 -1.01 2.77
C43 X2A F . 3.38 -1.73 0.90
C43 X2A F . 0.55 -3.12 -0.16
O6 X2A F . -0.44 -2.60 -0.55
O6 X2A F . 2.29 -0.17 2.70
O6 X2A F . 2.77 -2.78 1.63
O6 X2A F . -0.30 -2.25 -0.88
C46 X2A F . 1.30 -3.39 -2.17
C46 X2A F . 1.46 -2.29 3.54
C46 X2A F . 4.34 -0.91 1.76
C46 X2A F . -0.24 -4.39 0.08
C45 X2A F . 1.72 -4.58 -1.32
C45 X2A F . 0.76 -1.71 4.76
C45 X2A F . 5.52 -1.58 1.07
C45 X2A F . 0.74 -5.22 -0.76
C44 X2A F . 1.58 -3.74 -0.05
C44 X2A F . 0.28 -0.52 3.92
C44 X2A F . 4.56 -2.29 0.12
C44 X2A F . 1.55 -3.97 -0.97
O2 X2A F . 2.51 -0.94 0.12
O2 X2A F . 1.67 -2.06 0.75
O2 X2A F . 1.76 -1.74 -1.01
O2 X2A F . 2.53 -2.50 1.28
C21 X2A F . 2.12 0.12 1.00
C21 X2A F . 2.01 -1.63 -0.55
C21 X2A F . 0.46 -2.13 -0.63
C21 X2A F . 3.34 -1.44 0.84
C49 X2A F . 2.77 1.48 0.82
C49 X2A F . 1.79 -2.66 -1.62
C49 X2A F . 0.56 -3.37 0.21
C49 X2A F . 4.38 -0.98 1.86
C48 X2A F . 3.31 1.39 2.24
C48 X2A F . 3.33 -2.80 -1.76
C48 X2A F . -0.36 -4.06 -0.78
C48 X2A F . 5.47 -1.63 1.04
C47 X2A F . 2.63 0.05 2.42
C47 X2A F . 3.53 -1.74 -0.69
C47 X2A F . -0.50 -2.78 -1.58
C47 X2A F . 4.45 -2.01 -0.04
O5 X2A F . 0.44 -0.44 -0.38
O5 X2A F . 0.63 -0.10 0.55
O5 X2A F . 1.15 -0.78 0.81
O5 X2A F . 1.10 -0.89 0.57
C X2A F . 0.62 0.06 0.89
C X2A F . 1.25 -0.33 -0.69
C X2A F . 0.02 -0.84 -0.02
C X2A F . 2.37 -0.40 0.27
O7 X2A F . -0.03 1.34 0.98
O7 X2A F . 0.30 -0.33 -1.77
O7 X2A F . 0.05 0.07 -1.12
O7 X2A F . 2.51 0.91 0.80
C1 X2A F . 0.06 -1.11 1.65
C1 X2A F . 2.17 0.75 -0.81
C1 X2A F . -0.92 -0.66 1.07
C1 X2A F . 2.16 -0.42 -1.18
O X2A F . 0.74 -1.86 2.30
O X2A F . 2.64 1.42 0.13
O X2A F . -1.37 0.40 1.43
O X2A F . 1.87 -1.42 -1.79
N X2A F . -1.20 -1.33 1.38
N X2A F . 2.47 0.69 -2.06
N X2A F . -1.05 -1.74 1.71
N X2A F . 2.27 0.72 -1.76
C2 X2A F . -2.06 -2.06 2.08
C2 X2A F . 3.58 1.16 -2.50
C2 X2A F . -2.13 -2.19 2.24
C2 X2A F . 3.40 1.15 -2.30
C7 X2A F . -1.89 -3.40 2.39
C7 X2A F . 4.79 0.80 -1.93
C7 X2A F . -1.99 -3.51 2.57
C7 X2A F . 4.65 0.83 -1.77
C6 X2A F . -2.88 -4.09 3.07
C6 X2A F . 5.88 1.38 -2.45
C6 X2A F . -3.02 -4.15 3.15
C6 X2A F . 5.76 1.36 -2.38
C5 X2A F . -4.03 -3.40 3.39
C5 X2A F . 5.69 2.23 -3.49
C5 X2A F . -4.17 -3.44 3.38
C5 X2A F . 5.56 2.15 -3.48
C4 X2A F . -4.20 -2.05 3.09
C4 X2A F . 4.50 2.55 -4.05
C4 X2A F . -4.30 -2.09 3.07
C4 X2A F . 4.34 2.44 -4.00
C3 X2A F . -3.22 -1.39 2.42
C3 X2A F . 3.39 2.00 -3.55
C3 X2A F . -3.26 -1.44 2.49
C3 X2A F . 3.23 1.93 -3.41
C8 X2A F . -2.80 -5.54 3.47
C8 X2A F . 7.25 1.10 -1.96
C8 X2A F . -2.87 -5.58 3.52
C8 X2A F . 7.17 1.10 -1.94
O1 X2A F . -3.02 -5.81 4.60
O1 X2A F . 7.99 0.69 -2.79
O1 X2A F . -3.04 -5.86 4.64
O1 X2A F . 7.91 0.73 -2.80
N1 X2A F . -2.51 -6.49 2.60
N1 X2A F . 7.67 1.30 -0.70
N1 X2A F . -2.53 -6.51 2.62
N1 X2A F . 7.62 1.30 -0.70
C13 X2A F . -2.16 -7.82 3.00
C13 X2A F . 9.02 1.03 -0.32
C13 X2A F . -2.50 -6.30 1.18
C13 X2A F . 6.82 1.81 0.39
C12 X2A F . -3.33 -8.70 2.57
C12 X2A F . 9.70 2.34 0.07
C12 X2A F . -3.59 -7.22 0.62
C12 X2A F . 7.43 3.17 0.74
C11 X2A F . -3.48 -8.67 1.06
C11 X2A F . 8.90 3.07 1.10
C11 X2A F . -3.48 -8.67 1.06
C11 X2A F . 8.90 3.07 1.10
C10 X2A F . -3.60 -7.22 0.62
C10 X2A F . 7.43 3.16 0.74
C10 X2A F . -3.33 -8.71 2.57
C10 X2A F . 9.68 2.33 0.06
C9 X2A F . -2.50 -6.31 1.16
C9 X2A F . 6.83 1.80 0.36
C9 X2A F . -2.16 -7.83 3.00
C9 X2A F . 8.99 1.04 -0.33
C14 X2A F . -4.58 -9.48 0.50
C14 X2A F . 9.45 4.42 1.38
C14 X2A F . -4.58 -9.47 0.50
C14 X2A F . 9.45 4.42 1.38
C19 X2A F . -4.43 -10.11 -0.70
C19 X2A F . 9.43 4.88 2.65
C19 X2A F . -4.43 -10.11 -0.70
C19 X2A F . 9.43 4.88 2.65
C18 X2A F . -5.43 -10.83 -1.27
C18 X2A F . 9.88 6.11 2.97
C18 X2A F . -5.43 -10.83 -1.27
C18 X2A F . 9.88 6.11 2.97
C17 X2A F . -6.63 -10.90 -0.60
C17 X2A F . 10.36 6.95 2.03
C17 X2A F . -6.63 -10.90 -0.60
C17 X2A F . 10.35 6.94 2.03
C16 X2A F . -6.80 -10.29 0.61
C16 X2A F . 10.40 6.54 0.75
C16 X2A F . -6.80 -10.29 0.61
C16 X2A F . 10.40 6.54 0.75
C15 X2A F . -5.77 -9.56 1.13
C15 X2A F . 9.97 5.28 0.44
C15 X2A F . -5.77 -9.56 1.13
C15 X2A F . 9.97 5.28 0.44
C20 X2A F . -8.16 -10.38 1.27
C20 X2A F . 10.94 7.52 -0.25
C20 X2A F . -8.16 -10.38 1.27
C20 X2A F . 10.94 7.52 -0.25
N2 X2A F . -8.14 -11.21 2.43
N2 X2A F . 12.12 7.04 -0.86
N2 X2A F . -8.14 -11.21 2.43
N2 X2A F . 12.12 7.04 -0.86
O1 MES G . -22.81 7.04 -2.98
C2 MES G . -22.34 5.70 -2.84
C3 MES G . -20.90 5.76 -2.37
N4 MES G . -20.02 6.46 -3.34
C5 MES G . -20.59 7.85 -3.66
C6 MES G . -22.08 7.70 -4.02
C7 MES G . -18.61 6.46 -2.88
C8 MES G . -17.72 7.06 -3.97
S MES G . -16.16 6.30 -4.04
O1S MES G . -15.31 7.06 -5.00
O2S MES G . -15.46 6.40 -2.77
O3S MES G . -16.42 4.98 -4.48
S SO4 H . -17.03 -12.73 11.81
O1 SO4 H . -16.51 -12.30 13.15
O2 SO4 H . -16.79 -11.66 10.80
O3 SO4 H . -18.48 -12.94 11.93
O4 SO4 H . -16.28 -14.02 11.40
S SO4 I . -0.92 -10.62 -3.26
O1 SO4 I . -0.89 -9.88 -4.57
O2 SO4 I . -1.00 -9.60 -2.21
O3 SO4 I . 0.36 -11.37 -3.21
O4 SO4 I . -2.04 -11.62 -3.23
S SO4 J . -23.85 3.54 0.19
O1 SO4 J . -24.19 4.52 -0.86
O2 SO4 J . -23.22 4.17 1.32
O3 SO4 J . -23.06 2.33 -0.43
O4 SO4 J . -25.02 2.98 0.87
O1 PG4 K . 5.53 -10.89 -12.03
C1 PG4 K . 5.07 -10.45 -13.34
C2 PG4 K . 5.78 -11.17 -14.49
O2 PG4 K . 6.70 -10.30 -15.19
C3 PG4 K . 7.75 -9.88 -14.32
C4 PG4 K . 9.05 -9.60 -15.09
O3 PG4 K . 9.17 -8.18 -15.31
C5 PG4 K . 10.52 -7.75 -15.08
C6 PG4 K . 10.69 -6.28 -15.42
O4 PG4 K . 10.33 -6.10 -16.78
C7 PG4 K . 10.81 -4.89 -17.42
C8 PG4 K . 11.87 -5.21 -18.50
O5 PG4 K . 11.26 -5.67 -19.72
#